data_251D
# 
_entry.id   251D 
# 
_audit_conform.dict_name       mmcif_pdbx.dic 
_audit_conform.dict_version    5.387 
_audit_conform.dict_location   http://mmcif.pdb.org/dictionaries/ascii/mmcif_pdbx.dic 
# 
loop_
_database_2.database_id 
_database_2.database_code 
_database_2.pdbx_database_accession 
_database_2.pdbx_DOI 
PDB   251D         pdb_0000251d 10.2210/pdb251d/pdb 
RCSB  BDF068       ?            ?                   
WWPDB D_1000177654 ?            ?                   
# 
loop_
_pdbx_audit_revision_history.ordinal 
_pdbx_audit_revision_history.data_content_type 
_pdbx_audit_revision_history.major_revision 
_pdbx_audit_revision_history.minor_revision 
_pdbx_audit_revision_history.revision_date 
1 'Structure model' 1 0 1996-06-27 
2 'Structure model' 1 1 2008-05-22 
3 'Structure model' 1 2 2011-07-13 
4 'Structure model' 1 3 2024-02-14 
# 
_pdbx_audit_revision_details.ordinal             1 
_pdbx_audit_revision_details.revision_ordinal    1 
_pdbx_audit_revision_details.data_content_type   'Structure model' 
_pdbx_audit_revision_details.provider            repository 
_pdbx_audit_revision_details.type                'Initial release' 
_pdbx_audit_revision_details.description         ? 
_pdbx_audit_revision_details.details             ? 
# 
loop_
_pdbx_audit_revision_group.ordinal 
_pdbx_audit_revision_group.revision_ordinal 
_pdbx_audit_revision_group.data_content_type 
_pdbx_audit_revision_group.group 
1 2 'Structure model' 'Version format compliance' 
2 3 'Structure model' 'Version format compliance' 
3 4 'Structure model' 'Data collection'           
4 4 'Structure model' 'Database references'       
# 
loop_
_pdbx_audit_revision_category.ordinal 
_pdbx_audit_revision_category.revision_ordinal 
_pdbx_audit_revision_category.data_content_type 
_pdbx_audit_revision_category.category 
1 4 'Structure model' chem_comp_atom 
2 4 'Structure model' chem_comp_bond 
3 4 'Structure model' database_2     
# 
loop_
_pdbx_audit_revision_item.ordinal 
_pdbx_audit_revision_item.revision_ordinal 
_pdbx_audit_revision_item.data_content_type 
_pdbx_audit_revision_item.item 
1 4 'Structure model' '_database_2.pdbx_DOI'                
2 4 'Structure model' '_database_2.pdbx_database_accession' 
# 
_pdbx_database_status.status_code                     REL 
_pdbx_database_status.entry_id                        251D 
_pdbx_database_status.recvd_initial_deposition_date   1996-03-01 
_pdbx_database_status.deposit_site                    NDB 
_pdbx_database_status.process_site                    NDB 
_pdbx_database_status.status_code_sf                  REL 
_pdbx_database_status.status_code_mr                  ? 
_pdbx_database_status.SG_entry                        ? 
_pdbx_database_status.pdb_format_compatible           Y 
_pdbx_database_status.status_code_cs                  ? 
_pdbx_database_status.status_code_nmr_data            ? 
_pdbx_database_status.methods_development_category    ? 
# 
loop_
_audit_author.name 
_audit_author.pdbx_ordinal 
'Wahl, M.C.'        1 
'Rao, S.T.'         2 
'Sundaralingam, M.' 3 
# 
_citation.id                        primary 
_citation.title                     'Crystal structure of the B-DNA hexamer d(CTCGAG): model for an A-to-B transition.' 
_citation.journal_abbrev            Biophys.J. 
_citation.journal_volume            70 
_citation.page_first                2857 
_citation.page_last                 2866 
_citation.year                      1996 
_citation.journal_id_ASTM           BIOJAU 
_citation.country                   US 
_citation.journal_id_ISSN           0006-3495 
_citation.journal_id_CSD            0030 
_citation.book_publisher            ? 
_citation.pdbx_database_id_PubMed   8744323 
_citation.pdbx_database_id_DOI      ? 
# 
loop_
_citation_author.citation_id 
_citation_author.name 
_citation_author.ordinal 
_citation_author.identifier_ORCID 
primary 'Wahl, M.C.'        1 ? 
primary 'Rao, S.T.'         2 ? 
primary 'Sundaralingam, M.' 3 ? 
# 
loop_
_entity.id 
_entity.type 
_entity.src_method 
_entity.pdbx_description 
_entity.formula_weight 
_entity.pdbx_number_of_molecules 
_entity.pdbx_ec 
_entity.pdbx_mutation 
_entity.pdbx_fragment 
_entity.details 
1 polymer nat 
;DNA (5'-D(*CP*TP*CP*GP*AP*G)-3')
;
1809.217 1  ? ? ? ? 
2 water   nat water                              18.015   32 ? ? ? ? 
# 
_entity_poly.entity_id                      1 
_entity_poly.type                           polydeoxyribonucleotide 
_entity_poly.nstd_linkage                   no 
_entity_poly.nstd_monomer                   no 
_entity_poly.pdbx_seq_one_letter_code       '(DC)(DT)(DC)(DG)(DA)(DG)' 
_entity_poly.pdbx_seq_one_letter_code_can   CTCGAG 
_entity_poly.pdbx_strand_id                 A 
_entity_poly.pdbx_target_identifier         ? 
# 
_pdbx_entity_nonpoly.entity_id   2 
_pdbx_entity_nonpoly.name        water 
_pdbx_entity_nonpoly.comp_id     HOH 
# 
loop_
_entity_poly_seq.entity_id 
_entity_poly_seq.num 
_entity_poly_seq.mon_id 
_entity_poly_seq.hetero 
1 1 DC n 
1 2 DT n 
1 3 DC n 
1 4 DG n 
1 5 DA n 
1 6 DG n 
# 
loop_
_chem_comp.id 
_chem_comp.type 
_chem_comp.mon_nstd_flag 
_chem_comp.name 
_chem_comp.pdbx_synonyms 
_chem_comp.formula 
_chem_comp.formula_weight 
DA  'DNA linking' y "2'-DEOXYADENOSINE-5'-MONOPHOSPHATE" ? 'C10 H14 N5 O6 P' 331.222 
DC  'DNA linking' y "2'-DEOXYCYTIDINE-5'-MONOPHOSPHATE"  ? 'C9 H14 N3 O7 P'  307.197 
DG  'DNA linking' y "2'-DEOXYGUANOSINE-5'-MONOPHOSPHATE" ? 'C10 H14 N5 O7 P' 347.221 
DT  'DNA linking' y "THYMIDINE-5'-MONOPHOSPHATE"         ? 'C10 H15 N2 O8 P' 322.208 
HOH non-polymer   . WATER                                ? 'H2 O'            18.015  
# 
loop_
_pdbx_poly_seq_scheme.asym_id 
_pdbx_poly_seq_scheme.entity_id 
_pdbx_poly_seq_scheme.seq_id 
_pdbx_poly_seq_scheme.mon_id 
_pdbx_poly_seq_scheme.ndb_seq_num 
_pdbx_poly_seq_scheme.pdb_seq_num 
_pdbx_poly_seq_scheme.auth_seq_num 
_pdbx_poly_seq_scheme.pdb_mon_id 
_pdbx_poly_seq_scheme.auth_mon_id 
_pdbx_poly_seq_scheme.pdb_strand_id 
_pdbx_poly_seq_scheme.pdb_ins_code 
_pdbx_poly_seq_scheme.hetero 
A 1 1 DC 1 1 1 DC C A . n 
A 1 2 DT 2 2 2 DT T A . n 
A 1 3 DC 3 3 3 DC C A . n 
A 1 4 DG 4 4 4 DG G A . n 
A 1 5 DA 5 5 5 DA A A . n 
A 1 6 DG 6 6 6 DG G A . n 
# 
loop_
_pdbx_nonpoly_scheme.asym_id 
_pdbx_nonpoly_scheme.entity_id 
_pdbx_nonpoly_scheme.mon_id 
_pdbx_nonpoly_scheme.ndb_seq_num 
_pdbx_nonpoly_scheme.pdb_seq_num 
_pdbx_nonpoly_scheme.auth_seq_num 
_pdbx_nonpoly_scheme.pdb_mon_id 
_pdbx_nonpoly_scheme.auth_mon_id 
_pdbx_nonpoly_scheme.pdb_strand_id 
_pdbx_nonpoly_scheme.pdb_ins_code 
B 2 HOH 1  7  7  HOH HOH A . 
B 2 HOH 2  8  8  HOH HOH A . 
B 2 HOH 3  9  9  HOH HOH A . 
B 2 HOH 4  10 10 HOH HOH A . 
B 2 HOH 5  11 11 HOH HOH A . 
B 2 HOH 6  12 12 HOH HOH A . 
B 2 HOH 7  13 13 HOH HOH A . 
B 2 HOH 8  14 14 HOH HOH A . 
B 2 HOH 9  15 15 HOH HOH A . 
B 2 HOH 10 16 16 HOH HOH A . 
B 2 HOH 11 17 17 HOH HOH A . 
B 2 HOH 12 18 18 HOH HOH A . 
B 2 HOH 13 19 19 HOH HOH A . 
B 2 HOH 14 20 20 HOH HOH A . 
B 2 HOH 15 21 21 HOH HOH A . 
B 2 HOH 16 22 22 HOH HOH A . 
B 2 HOH 17 23 23 HOH HOH A . 
B 2 HOH 18 24 24 HOH HOH A . 
B 2 HOH 19 25 25 HOH HOH A . 
B 2 HOH 20 26 26 HOH HOH A . 
B 2 HOH 21 27 27 HOH HOH A . 
B 2 HOH 22 28 28 HOH HOH A . 
B 2 HOH 23 29 29 HOH HOH A . 
B 2 HOH 24 30 30 HOH HOH A . 
B 2 HOH 25 31 31 HOH HOH A . 
B 2 HOH 26 32 32 HOH HOH A . 
B 2 HOH 27 33 33 HOH HOH A . 
B 2 HOH 28 34 34 HOH HOH A . 
B 2 HOH 29 35 35 HOH HOH A . 
B 2 HOH 30 36 36 HOH HOH A . 
B 2 HOH 31 37 37 HOH HOH A . 
B 2 HOH 32 38 38 HOH HOH A . 
# 
loop_
_software.name 
_software.classification 
_software.version 
_software.citation_id 
_software.pdbx_ordinal 
X-PLOR refinement       .        ? 1 
XENGEN 'data reduction' 'V. 2.0' ? 2 
# 
_cell.entry_id           251D 
_cell.length_a           40.140 
_cell.length_b           40.140 
_cell.length_c           44.470 
_cell.angle_alpha        90.00 
_cell.angle_beta         90.00 
_cell.angle_gamma        120.00 
_cell.Z_PDB              12 
_cell.pdbx_unique_axis   ? 
# 
_symmetry.entry_id                         251D 
_symmetry.space_group_name_H-M             'P 62 2 2' 
_symmetry.pdbx_full_space_group_name_H-M   ? 
_symmetry.cell_setting                     ? 
_symmetry.Int_Tables_number                180 
# 
_exptl.entry_id          251D 
_exptl.method            'X-RAY DIFFRACTION' 
_exptl.crystals_number   ? 
# 
_exptl_crystal.id                    1 
_exptl_crystal.density_meas          ? 
_exptl_crystal.density_Matthews      2.86 
_exptl_crystal.density_percent_sol   56.96 
_exptl_crystal.description           ? 
# 
_exptl_crystal_grow.crystal_id      1 
_exptl_crystal_grow.method          'VAPOR DIFFUSION, HANGING DROP' 
_exptl_crystal_grow.temp            277.00 
_exptl_crystal_grow.temp_details    ? 
_exptl_crystal_grow.pH              7.00 
_exptl_crystal_grow.pdbx_details    'pH 7.00, VAPOR DIFFUSION, HANGING DROP, temperature 277.00K' 
_exptl_crystal_grow.pdbx_pH_range   ? 
# 
loop_
_exptl_crystal_grow_comp.crystal_id 
_exptl_crystal_grow_comp.id 
_exptl_crystal_grow_comp.sol_id 
_exptl_crystal_grow_comp.name 
_exptl_crystal_grow_comp.volume 
_exptl_crystal_grow_comp.conc 
_exptl_crystal_grow_comp.details 
1 1 1 WATER           ? ? ? 
1 2 1 MPD             ? ? ? 
1 3 1 MGCL2           ? ? ? 
1 4 1 SPERMINE_HCL    ? ? ? 
1 5 1 'NA CACODYLATE' ? ? ? 
1 6 2 WATER           ? ? ? 
1 7 2 MPD             ? ? ? 
# 
_diffrn.id                     1 
_diffrn.crystal_id             1 
_diffrn.ambient_temp           ? 
_diffrn.ambient_temp_details   ? 
# 
_diffrn_detector.diffrn_id              1 
_diffrn_detector.detector               'AREA DETECTOR' 
_diffrn_detector.type                   SIEMENS 
_diffrn_detector.pdbx_collection_date   1994-06-10 
_diffrn_detector.details                ? 
# 
_diffrn_radiation.diffrn_id                        1 
_diffrn_radiation.wavelength_id                    1 
_diffrn_radiation.pdbx_monochromatic_or_laue_m_l   M 
_diffrn_radiation.monochromator                    ? 
_diffrn_radiation.pdbx_diffrn_protocol             ? 
_diffrn_radiation.pdbx_scattering_type             x-ray 
# 
_diffrn_radiation_wavelength.id           1 
_diffrn_radiation_wavelength.wavelength   . 
_diffrn_radiation_wavelength.wt           1.0 
# 
_diffrn_source.diffrn_id                   1 
_diffrn_source.source                      'ROTATING ANODE' 
_diffrn_source.type                        MACSCIENCE 
_diffrn_source.pdbx_synchrotron_site       ? 
_diffrn_source.pdbx_synchrotron_beamline   ? 
_diffrn_source.pdbx_wavelength             ? 
_diffrn_source.pdbx_wavelength_list        ? 
# 
_reflns.entry_id                     251D 
_reflns.observed_criterion_sigma_I   ? 
_reflns.observed_criterion_sigma_F   2.000 
_reflns.d_resolution_low             ? 
_reflns.d_resolution_high            ? 
_reflns.number_obs                   1547 
_reflns.number_all                   ? 
_reflns.percent_possible_obs         83.000 
_reflns.pdbx_Rmerge_I_obs            0.0499000 
_reflns.pdbx_Rsym_value              ? 
_reflns.pdbx_netI_over_sigmaI        ? 
_reflns.B_iso_Wilson_estimate        ? 
_reflns.pdbx_redundancy              7.600 
_reflns.pdbx_diffrn_id               1 
_reflns.pdbx_ordinal                 1 
# 
_refine.entry_id                                 251D 
_refine.ls_number_reflns_obs                     1547 
_refine.ls_number_reflns_all                     ? 
_refine.pdbx_ls_sigma_I                          ? 
_refine.pdbx_ls_sigma_F                          2.000 
_refine.pdbx_data_cutoff_high_absF               ? 
_refine.pdbx_data_cutoff_low_absF                ? 
_refine.pdbx_data_cutoff_high_rms_absF           ? 
_refine.ls_d_res_low                             8.000 
_refine.ls_d_res_high                            1.900 
_refine.ls_percent_reflns_obs                    ? 
_refine.ls_R_factor_obs                          0.1860000 
_refine.ls_R_factor_all                          ? 
_refine.ls_R_factor_R_work                       0.1860000 
_refine.ls_R_factor_R_free                       ? 
_refine.ls_R_factor_R_free_error                 ? 
_refine.ls_R_factor_R_free_error_details         ? 
_refine.ls_percent_reflns_R_free                 ? 
_refine.ls_number_reflns_R_free                  ? 
_refine.ls_number_parameters                     ? 
_refine.ls_number_restraints                     ? 
_refine.occupancy_min                            ? 
_refine.occupancy_max                            ? 
_refine.B_iso_mean                               ? 
_refine.aniso_B[1][1]                            ? 
_refine.aniso_B[2][2]                            ? 
_refine.aniso_B[3][3]                            ? 
_refine.aniso_B[1][2]                            ? 
_refine.aniso_B[1][3]                            ? 
_refine.aniso_B[2][3]                            ? 
_refine.solvent_model_details                    ? 
_refine.solvent_model_param_ksol                 ? 
_refine.solvent_model_param_bsol                 ? 
_refine.pdbx_ls_cross_valid_method               ? 
_refine.details                                  ? 
_refine.pdbx_starting_model                      ? 
_refine.pdbx_method_to_determine_struct          ? 
_refine.pdbx_isotropic_thermal_model             ? 
_refine.pdbx_stereochemistry_target_values       ? 
_refine.pdbx_stereochem_target_val_spec_case     ? 
_refine.pdbx_R_Free_selection_details            ? 
_refine.pdbx_overall_ESU_R                       ? 
_refine.pdbx_overall_ESU_R_Free                  ? 
_refine.overall_SU_ML                            ? 
_refine.overall_SU_B                             ? 
_refine.pdbx_refine_id                           'X-RAY DIFFRACTION' 
_refine.pdbx_diffrn_id                           1 
_refine.pdbx_TLS_residual_ADP_flag               ? 
_refine.correlation_coeff_Fo_to_Fc               ? 
_refine.correlation_coeff_Fo_to_Fc_free          ? 
_refine.pdbx_solvent_vdw_probe_radii             ? 
_refine.pdbx_solvent_ion_probe_radii             ? 
_refine.pdbx_solvent_shrinkage_radii             ? 
_refine.pdbx_overall_phase_error                 ? 
_refine.overall_SU_R_Cruickshank_DPI             ? 
_refine.pdbx_overall_SU_R_free_Cruickshank_DPI   ? 
_refine.pdbx_overall_SU_R_Blow_DPI               ? 
_refine.pdbx_overall_SU_R_free_Blow_DPI          ? 
# 
_refine_hist.pdbx_refine_id                   'X-RAY DIFFRACTION' 
_refine_hist.cycle_id                         LAST 
_refine_hist.pdbx_number_atoms_protein        0 
_refine_hist.pdbx_number_atoms_nucleic_acid   120 
_refine_hist.pdbx_number_atoms_ligand         0 
_refine_hist.number_atoms_solvent             32 
_refine_hist.number_atoms_total               152 
_refine_hist.d_res_high                       1.900 
_refine_hist.d_res_low                        8.000 
# 
loop_
_refine_ls_restr.type 
_refine_ls_restr.dev_ideal 
_refine_ls_restr.dev_ideal_target 
_refine_ls_restr.weight 
_refine_ls_restr.number 
_refine_ls_restr.pdbx_refine_id 
_refine_ls_restr.pdbx_restraint_function 
x_bond_d                0.020 ? ? ? 'X-RAY DIFFRACTION' ? 
x_bond_d_na             ?     ? ? ? 'X-RAY DIFFRACTION' ? 
x_bond_d_prot           ?     ? ? ? 'X-RAY DIFFRACTION' ? 
x_angle_d               ?     ? ? ? 'X-RAY DIFFRACTION' ? 
x_angle_d_na            ?     ? ? ? 'X-RAY DIFFRACTION' ? 
x_angle_d_prot          ?     ? ? ? 'X-RAY DIFFRACTION' ? 
x_angle_deg             2.90  ? ? ? 'X-RAY DIFFRACTION' ? 
x_angle_deg_na          ?     ? ? ? 'X-RAY DIFFRACTION' ? 
x_angle_deg_prot        ?     ? ? ? 'X-RAY DIFFRACTION' ? 
x_dihedral_angle_d      ?     ? ? ? 'X-RAY DIFFRACTION' ? 
x_dihedral_angle_d_na   ?     ? ? ? 'X-RAY DIFFRACTION' ? 
x_dihedral_angle_d_prot ?     ? ? ? 'X-RAY DIFFRACTION' ? 
x_improper_angle_d      ?     ? ? ? 'X-RAY DIFFRACTION' ? 
x_improper_angle_d_na   ?     ? ? ? 'X-RAY DIFFRACTION' ? 
x_improper_angle_d_prot ?     ? ? ? 'X-RAY DIFFRACTION' ? 
x_mcbond_it             ?     ? ? ? 'X-RAY DIFFRACTION' ? 
x_mcangle_it            ?     ? ? ? 'X-RAY DIFFRACTION' ? 
x_scbond_it             ?     ? ? ? 'X-RAY DIFFRACTION' ? 
x_scangle_it            ?     ? ? ? 'X-RAY DIFFRACTION' ? 
# 
_struct.entry_id                  251D 
_struct.title                     'SINGLE CRYSTAL AND MOLECULAR STRUCTURE OF D(CTCGAG)' 
_struct.pdbx_model_details        ? 
_struct.pdbx_CASP_flag            ? 
_struct.pdbx_model_type_details   ? 
# 
_struct_keywords.entry_id        251D 
_struct_keywords.pdbx_keywords   DNA 
_struct_keywords.text            'B-DNA, DOUBLE HELIX, A-DNA LIKE CONFORMATION AT TERMINI, DNA' 
# 
loop_
_struct_asym.id 
_struct_asym.pdbx_blank_PDB_chainid_flag 
_struct_asym.pdbx_modified 
_struct_asym.entity_id 
_struct_asym.details 
A N N 1 ? 
B N N 2 ? 
# 
_struct_ref.id                         1 
_struct_ref.entity_id                  1 
_struct_ref.db_name                    PDB 
_struct_ref.db_code                    251D 
_struct_ref.pdbx_db_accession          251D 
_struct_ref.pdbx_db_isoform            ? 
_struct_ref.pdbx_seq_one_letter_code   ? 
_struct_ref.pdbx_align_begin           ? 
# 
_struct_ref_seq.align_id                      1 
_struct_ref_seq.ref_id                        1 
_struct_ref_seq.pdbx_PDB_id_code              251D 
_struct_ref_seq.pdbx_strand_id                A 
_struct_ref_seq.seq_align_beg                 1 
_struct_ref_seq.pdbx_seq_align_beg_ins_code   ? 
_struct_ref_seq.seq_align_end                 6 
_struct_ref_seq.pdbx_seq_align_end_ins_code   ? 
_struct_ref_seq.pdbx_db_accession             251D 
_struct_ref_seq.db_align_beg                  1 
_struct_ref_seq.pdbx_db_align_beg_ins_code    ? 
_struct_ref_seq.db_align_end                  6 
_struct_ref_seq.pdbx_db_align_end_ins_code    ? 
_struct_ref_seq.pdbx_auth_seq_align_beg       1 
_struct_ref_seq.pdbx_auth_seq_align_end       6 
# 
_pdbx_struct_assembly.id                   1 
_pdbx_struct_assembly.details              author_defined_assembly 
_pdbx_struct_assembly.method_details       ? 
_pdbx_struct_assembly.oligomeric_details   dimeric 
_pdbx_struct_assembly.oligomeric_count     2 
# 
_pdbx_struct_assembly_gen.assembly_id       1 
_pdbx_struct_assembly_gen.oper_expression   1,2 
_pdbx_struct_assembly_gen.asym_id_list      A,B 
# 
loop_
_pdbx_struct_oper_list.id 
_pdbx_struct_oper_list.type 
_pdbx_struct_oper_list.name 
_pdbx_struct_oper_list.symmetry_operation 
_pdbx_struct_oper_list.matrix[1][1] 
_pdbx_struct_oper_list.matrix[1][2] 
_pdbx_struct_oper_list.matrix[1][3] 
_pdbx_struct_oper_list.vector[1] 
_pdbx_struct_oper_list.matrix[2][1] 
_pdbx_struct_oper_list.matrix[2][2] 
_pdbx_struct_oper_list.matrix[2][3] 
_pdbx_struct_oper_list.vector[2] 
_pdbx_struct_oper_list.matrix[3][1] 
_pdbx_struct_oper_list.matrix[3][2] 
_pdbx_struct_oper_list.matrix[3][3] 
_pdbx_struct_oper_list.vector[3] 
1 'identity operation'         1_555 x,y,z     1.0000000000 0.0000000000 0.0000000000  0.0000000000  0.0000000000 1.0000000000  0.0000000000  0.0000000000 0.0000000000  0.0000000000  1.0000000000  0.0000000000 
2 'crystal symmetry operation' 4_655 -x+1,-y,z 0.3372446958 0.9216573558 -0.1918690533 -2.6899291102 0.9216573558 -0.3647742375 -0.1322402137 4.4466381162 -0.1918690533 -0.1322402137 -0.9724704583 2.6121111513 
# 
_struct_biol.id   1 
# 
loop_
_struct_conn.id 
_struct_conn.conn_type_id 
_struct_conn.pdbx_leaving_atom_flag 
_struct_conn.pdbx_PDB_id 
_struct_conn.ptnr1_label_asym_id 
_struct_conn.ptnr1_label_comp_id 
_struct_conn.ptnr1_label_seq_id 
_struct_conn.ptnr1_label_atom_id 
_struct_conn.pdbx_ptnr1_label_alt_id 
_struct_conn.pdbx_ptnr1_PDB_ins_code 
_struct_conn.pdbx_ptnr1_standard_comp_id 
_struct_conn.ptnr1_symmetry 
_struct_conn.ptnr2_label_asym_id 
_struct_conn.ptnr2_label_comp_id 
_struct_conn.ptnr2_label_seq_id 
_struct_conn.ptnr2_label_atom_id 
_struct_conn.pdbx_ptnr2_label_alt_id 
_struct_conn.pdbx_ptnr2_PDB_ins_code 
_struct_conn.ptnr1_auth_asym_id 
_struct_conn.ptnr1_auth_comp_id 
_struct_conn.ptnr1_auth_seq_id 
_struct_conn.ptnr2_auth_asym_id 
_struct_conn.ptnr2_auth_comp_id 
_struct_conn.ptnr2_auth_seq_id 
_struct_conn.ptnr2_symmetry 
_struct_conn.pdbx_ptnr3_label_atom_id 
_struct_conn.pdbx_ptnr3_label_seq_id 
_struct_conn.pdbx_ptnr3_label_comp_id 
_struct_conn.pdbx_ptnr3_label_asym_id 
_struct_conn.pdbx_ptnr3_label_alt_id 
_struct_conn.pdbx_ptnr3_PDB_ins_code 
_struct_conn.details 
_struct_conn.pdbx_dist_value 
_struct_conn.pdbx_value_order 
_struct_conn.pdbx_role 
hydrog1  hydrog ? ? A DC 1 N3 ? ? ? 1_555 A DG 6 N1 ? ? A DC 1 A DG 6 4_655 ? ? ? ? ? ? WATSON-CRICK ? ? ? 
hydrog2  hydrog ? ? A DC 1 N4 ? ? ? 1_555 A DG 6 O6 ? ? A DC 1 A DG 6 4_655 ? ? ? ? ? ? WATSON-CRICK ? ? ? 
hydrog3  hydrog ? ? A DC 1 O2 ? ? ? 1_555 A DG 6 N2 ? ? A DC 1 A DG 6 4_655 ? ? ? ? ? ? WATSON-CRICK ? ? ? 
hydrog4  hydrog ? ? A DT 2 N3 ? ? ? 1_555 A DA 5 N1 ? ? A DT 2 A DA 5 4_655 ? ? ? ? ? ? WATSON-CRICK ? ? ? 
hydrog5  hydrog ? ? A DT 2 O4 ? ? ? 1_555 A DA 5 N6 ? ? A DT 2 A DA 5 4_655 ? ? ? ? ? ? WATSON-CRICK ? ? ? 
hydrog6  hydrog ? ? A DC 3 N3 ? ? ? 1_555 A DG 4 N1 ? ? A DC 3 A DG 4 4_655 ? ? ? ? ? ? WATSON-CRICK ? ? ? 
hydrog7  hydrog ? ? A DC 3 N4 ? ? ? 1_555 A DG 4 O6 ? ? A DC 3 A DG 4 4_655 ? ? ? ? ? ? WATSON-CRICK ? ? ? 
hydrog8  hydrog ? ? A DC 3 O2 ? ? ? 1_555 A DG 4 N2 ? ? A DC 3 A DG 4 4_655 ? ? ? ? ? ? WATSON-CRICK ? ? ? 
hydrog9  hydrog ? ? A DG 4 N1 ? ? ? 1_555 A DC 3 N3 ? ? A DG 4 A DC 3 4_655 ? ? ? ? ? ? WATSON-CRICK ? ? ? 
hydrog10 hydrog ? ? A DG 4 N2 ? ? ? 1_555 A DC 3 O2 ? ? A DG 4 A DC 3 4_655 ? ? ? ? ? ? WATSON-CRICK ? ? ? 
hydrog11 hydrog ? ? A DG 4 O6 ? ? ? 1_555 A DC 3 N4 ? ? A DG 4 A DC 3 4_655 ? ? ? ? ? ? WATSON-CRICK ? ? ? 
hydrog12 hydrog ? ? A DA 5 N1 ? ? ? 1_555 A DT 2 N3 ? ? A DA 5 A DT 2 4_655 ? ? ? ? ? ? WATSON-CRICK ? ? ? 
hydrog13 hydrog ? ? A DA 5 N6 ? ? ? 1_555 A DT 2 O4 ? ? A DA 5 A DT 2 4_655 ? ? ? ? ? ? WATSON-CRICK ? ? ? 
hydrog14 hydrog ? ? A DG 6 N1 ? ? ? 1_555 A DC 1 N3 ? ? A DG 6 A DC 1 4_655 ? ? ? ? ? ? WATSON-CRICK ? ? ? 
hydrog15 hydrog ? ? A DG 6 N2 ? ? ? 1_555 A DC 1 O2 ? ? A DG 6 A DC 1 4_655 ? ? ? ? ? ? WATSON-CRICK ? ? ? 
hydrog16 hydrog ? ? A DG 6 O6 ? ? ? 1_555 A DC 1 N4 ? ? A DG 6 A DC 1 4_655 ? ? ? ? ? ? WATSON-CRICK ? ? ? 
# 
_struct_conn_type.id          hydrog 
_struct_conn_type.criteria    ? 
_struct_conn_type.reference   ? 
# 
_pdbx_validate_rmsd_bond.id                        1 
_pdbx_validate_rmsd_bond.PDB_model_num             1 
_pdbx_validate_rmsd_bond.auth_atom_id_1            "O3'" 
_pdbx_validate_rmsd_bond.auth_asym_id_1            A 
_pdbx_validate_rmsd_bond.auth_comp_id_1            DG 
_pdbx_validate_rmsd_bond.auth_seq_id_1             4 
_pdbx_validate_rmsd_bond.PDB_ins_code_1            ? 
_pdbx_validate_rmsd_bond.label_alt_id_1            ? 
_pdbx_validate_rmsd_bond.auth_atom_id_2            "C3'" 
_pdbx_validate_rmsd_bond.auth_asym_id_2            A 
_pdbx_validate_rmsd_bond.auth_comp_id_2            DG 
_pdbx_validate_rmsd_bond.auth_seq_id_2             4 
_pdbx_validate_rmsd_bond.PDB_ins_code_2            ? 
_pdbx_validate_rmsd_bond.label_alt_id_2            ? 
_pdbx_validate_rmsd_bond.bond_value                1.380 
_pdbx_validate_rmsd_bond.bond_target_value         1.419 
_pdbx_validate_rmsd_bond.bond_deviation            -0.039 
_pdbx_validate_rmsd_bond.bond_standard_deviation   0.006 
_pdbx_validate_rmsd_bond.linker_flag               N 
# 
loop_
_pdbx_validate_rmsd_angle.id 
_pdbx_validate_rmsd_angle.PDB_model_num 
_pdbx_validate_rmsd_angle.auth_atom_id_1 
_pdbx_validate_rmsd_angle.auth_asym_id_1 
_pdbx_validate_rmsd_angle.auth_comp_id_1 
_pdbx_validate_rmsd_angle.auth_seq_id_1 
_pdbx_validate_rmsd_angle.PDB_ins_code_1 
_pdbx_validate_rmsd_angle.label_alt_id_1 
_pdbx_validate_rmsd_angle.auth_atom_id_2 
_pdbx_validate_rmsd_angle.auth_asym_id_2 
_pdbx_validate_rmsd_angle.auth_comp_id_2 
_pdbx_validate_rmsd_angle.auth_seq_id_2 
_pdbx_validate_rmsd_angle.PDB_ins_code_2 
_pdbx_validate_rmsd_angle.label_alt_id_2 
_pdbx_validate_rmsd_angle.auth_atom_id_3 
_pdbx_validate_rmsd_angle.auth_asym_id_3 
_pdbx_validate_rmsd_angle.auth_comp_id_3 
_pdbx_validate_rmsd_angle.auth_seq_id_3 
_pdbx_validate_rmsd_angle.PDB_ins_code_3 
_pdbx_validate_rmsd_angle.label_alt_id_3 
_pdbx_validate_rmsd_angle.angle_value 
_pdbx_validate_rmsd_angle.angle_target_value 
_pdbx_validate_rmsd_angle.angle_deviation 
_pdbx_validate_rmsd_angle.angle_standard_deviation 
_pdbx_validate_rmsd_angle.linker_flag 
1 1 "O4'" A DC 1 ? ? "C1'" A DC 1 ? ? N1 A DC 1 ? ? 110.84 108.30 2.54   0.30 N 
2 1 "O4'" A DT 2 ? ? "C1'" A DT 2 ? ? N1 A DT 2 ? ? 101.97 108.00 -6.03  0.70 N 
3 1 C4    A DT 2 ? ? C5    A DT 2 ? ? C6 A DT 2 ? ? 121.84 118.00 3.84   0.60 N 
4 1 C6    A DT 2 ? ? C5    A DT 2 ? ? C7 A DT 2 ? ? 119.20 122.90 -3.70  0.60 N 
5 1 "O4'" A DC 3 ? ? "C1'" A DC 3 ? ? N1 A DC 3 ? ? 111.78 108.30 3.48   0.30 N 
6 1 "O4'" A DA 5 ? ? "C1'" A DA 5 ? ? N9 A DA 5 ? ? 96.75  108.00 -11.25 0.70 N 
7 1 N1    A DA 5 ? ? C6    A DA 5 ? ? N6 A DA 5 ? ? 122.26 118.60 3.66   0.60 N 
8 1 N1    A DG 6 ? ? C6    A DG 6 ? ? O6 A DG 6 ? ? 123.52 119.90 3.61   0.60 N 
9 1 C5    A DG 6 ? ? C6    A DG 6 ? ? O6 A DG 6 ? ? 123.88 128.60 -4.72  0.60 N 
# 
_pdbx_validate_planes.id              1 
_pdbx_validate_planes.PDB_model_num   1 
_pdbx_validate_planes.auth_comp_id    DC 
_pdbx_validate_planes.auth_asym_id    A 
_pdbx_validate_planes.auth_seq_id     1 
_pdbx_validate_planes.PDB_ins_code    ? 
_pdbx_validate_planes.label_alt_id    ? 
_pdbx_validate_planes.rmsd            0.069 
_pdbx_validate_planes.type            'SIDE CHAIN' 
# 
loop_
_refine_B_iso.class 
_refine_B_iso.details 
_refine_B_iso.treatment 
_refine_B_iso.pdbx_refine_id 
'ALL ATOMS'  TR isotropic 'X-RAY DIFFRACTION' 
'ALL WATERS' TR isotropic 'X-RAY DIFFRACTION' 
# 
loop_
_refine_occupancy.class 
_refine_occupancy.treatment 
_refine_occupancy.pdbx_refine_id 
'ALL ATOMS'  fix 'X-RAY DIFFRACTION' 
'ALL WATERS' fix 'X-RAY DIFFRACTION' 
# 
loop_
_chem_comp_atom.comp_id 
_chem_comp_atom.atom_id 
_chem_comp_atom.type_symbol 
_chem_comp_atom.pdbx_aromatic_flag 
_chem_comp_atom.pdbx_stereo_config 
_chem_comp_atom.pdbx_ordinal 
DA  OP3    O N N 1   
DA  P      P N N 2   
DA  OP1    O N N 3   
DA  OP2    O N N 4   
DA  "O5'"  O N N 5   
DA  "C5'"  C N N 6   
DA  "C4'"  C N R 7   
DA  "O4'"  O N N 8   
DA  "C3'"  C N S 9   
DA  "O3'"  O N N 10  
DA  "C2'"  C N N 11  
DA  "C1'"  C N R 12  
DA  N9     N Y N 13  
DA  C8     C Y N 14  
DA  N7     N Y N 15  
DA  C5     C Y N 16  
DA  C6     C Y N 17  
DA  N6     N N N 18  
DA  N1     N Y N 19  
DA  C2     C Y N 20  
DA  N3     N Y N 21  
DA  C4     C Y N 22  
DA  HOP3   H N N 23  
DA  HOP2   H N N 24  
DA  "H5'"  H N N 25  
DA  "H5''" H N N 26  
DA  "H4'"  H N N 27  
DA  "H3'"  H N N 28  
DA  "HO3'" H N N 29  
DA  "H2'"  H N N 30  
DA  "H2''" H N N 31  
DA  "H1'"  H N N 32  
DA  H8     H N N 33  
DA  H61    H N N 34  
DA  H62    H N N 35  
DA  H2     H N N 36  
DC  OP3    O N N 37  
DC  P      P N N 38  
DC  OP1    O N N 39  
DC  OP2    O N N 40  
DC  "O5'"  O N N 41  
DC  "C5'"  C N N 42  
DC  "C4'"  C N R 43  
DC  "O4'"  O N N 44  
DC  "C3'"  C N S 45  
DC  "O3'"  O N N 46  
DC  "C2'"  C N N 47  
DC  "C1'"  C N R 48  
DC  N1     N N N 49  
DC  C2     C N N 50  
DC  O2     O N N 51  
DC  N3     N N N 52  
DC  C4     C N N 53  
DC  N4     N N N 54  
DC  C5     C N N 55  
DC  C6     C N N 56  
DC  HOP3   H N N 57  
DC  HOP2   H N N 58  
DC  "H5'"  H N N 59  
DC  "H5''" H N N 60  
DC  "H4'"  H N N 61  
DC  "H3'"  H N N 62  
DC  "HO3'" H N N 63  
DC  "H2'"  H N N 64  
DC  "H2''" H N N 65  
DC  "H1'"  H N N 66  
DC  H41    H N N 67  
DC  H42    H N N 68  
DC  H5     H N N 69  
DC  H6     H N N 70  
DG  OP3    O N N 71  
DG  P      P N N 72  
DG  OP1    O N N 73  
DG  OP2    O N N 74  
DG  "O5'"  O N N 75  
DG  "C5'"  C N N 76  
DG  "C4'"  C N R 77  
DG  "O4'"  O N N 78  
DG  "C3'"  C N S 79  
DG  "O3'"  O N N 80  
DG  "C2'"  C N N 81  
DG  "C1'"  C N R 82  
DG  N9     N Y N 83  
DG  C8     C Y N 84  
DG  N7     N Y N 85  
DG  C5     C Y N 86  
DG  C6     C N N 87  
DG  O6     O N N 88  
DG  N1     N N N 89  
DG  C2     C N N 90  
DG  N2     N N N 91  
DG  N3     N N N 92  
DG  C4     C Y N 93  
DG  HOP3   H N N 94  
DG  HOP2   H N N 95  
DG  "H5'"  H N N 96  
DG  "H5''" H N N 97  
DG  "H4'"  H N N 98  
DG  "H3'"  H N N 99  
DG  "HO3'" H N N 100 
DG  "H2'"  H N N 101 
DG  "H2''" H N N 102 
DG  "H1'"  H N N 103 
DG  H8     H N N 104 
DG  H1     H N N 105 
DG  H21    H N N 106 
DG  H22    H N N 107 
DT  OP3    O N N 108 
DT  P      P N N 109 
DT  OP1    O N N 110 
DT  OP2    O N N 111 
DT  "O5'"  O N N 112 
DT  "C5'"  C N N 113 
DT  "C4'"  C N R 114 
DT  "O4'"  O N N 115 
DT  "C3'"  C N S 116 
DT  "O3'"  O N N 117 
DT  "C2'"  C N N 118 
DT  "C1'"  C N R 119 
DT  N1     N N N 120 
DT  C2     C N N 121 
DT  O2     O N N 122 
DT  N3     N N N 123 
DT  C4     C N N 124 
DT  O4     O N N 125 
DT  C5     C N N 126 
DT  C7     C N N 127 
DT  C6     C N N 128 
DT  HOP3   H N N 129 
DT  HOP2   H N N 130 
DT  "H5'"  H N N 131 
DT  "H5''" H N N 132 
DT  "H4'"  H N N 133 
DT  "H3'"  H N N 134 
DT  "HO3'" H N N 135 
DT  "H2'"  H N N 136 
DT  "H2''" H N N 137 
DT  "H1'"  H N N 138 
DT  H3     H N N 139 
DT  H71    H N N 140 
DT  H72    H N N 141 
DT  H73    H N N 142 
DT  H6     H N N 143 
HOH O      O N N 144 
HOH H1     H N N 145 
HOH H2     H N N 146 
# 
loop_
_chem_comp_bond.comp_id 
_chem_comp_bond.atom_id_1 
_chem_comp_bond.atom_id_2 
_chem_comp_bond.value_order 
_chem_comp_bond.pdbx_aromatic_flag 
_chem_comp_bond.pdbx_stereo_config 
_chem_comp_bond.pdbx_ordinal 
DA  OP3   P      sing N N 1   
DA  OP3   HOP3   sing N N 2   
DA  P     OP1    doub N N 3   
DA  P     OP2    sing N N 4   
DA  P     "O5'"  sing N N 5   
DA  OP2   HOP2   sing N N 6   
DA  "O5'" "C5'"  sing N N 7   
DA  "C5'" "C4'"  sing N N 8   
DA  "C5'" "H5'"  sing N N 9   
DA  "C5'" "H5''" sing N N 10  
DA  "C4'" "O4'"  sing N N 11  
DA  "C4'" "C3'"  sing N N 12  
DA  "C4'" "H4'"  sing N N 13  
DA  "O4'" "C1'"  sing N N 14  
DA  "C3'" "O3'"  sing N N 15  
DA  "C3'" "C2'"  sing N N 16  
DA  "C3'" "H3'"  sing N N 17  
DA  "O3'" "HO3'" sing N N 18  
DA  "C2'" "C1'"  sing N N 19  
DA  "C2'" "H2'"  sing N N 20  
DA  "C2'" "H2''" sing N N 21  
DA  "C1'" N9     sing N N 22  
DA  "C1'" "H1'"  sing N N 23  
DA  N9    C8     sing Y N 24  
DA  N9    C4     sing Y N 25  
DA  C8    N7     doub Y N 26  
DA  C8    H8     sing N N 27  
DA  N7    C5     sing Y N 28  
DA  C5    C6     sing Y N 29  
DA  C5    C4     doub Y N 30  
DA  C6    N6     sing N N 31  
DA  C6    N1     doub Y N 32  
DA  N6    H61    sing N N 33  
DA  N6    H62    sing N N 34  
DA  N1    C2     sing Y N 35  
DA  C2    N3     doub Y N 36  
DA  C2    H2     sing N N 37  
DA  N3    C4     sing Y N 38  
DC  OP3   P      sing N N 39  
DC  OP3   HOP3   sing N N 40  
DC  P     OP1    doub N N 41  
DC  P     OP2    sing N N 42  
DC  P     "O5'"  sing N N 43  
DC  OP2   HOP2   sing N N 44  
DC  "O5'" "C5'"  sing N N 45  
DC  "C5'" "C4'"  sing N N 46  
DC  "C5'" "H5'"  sing N N 47  
DC  "C5'" "H5''" sing N N 48  
DC  "C4'" "O4'"  sing N N 49  
DC  "C4'" "C3'"  sing N N 50  
DC  "C4'" "H4'"  sing N N 51  
DC  "O4'" "C1'"  sing N N 52  
DC  "C3'" "O3'"  sing N N 53  
DC  "C3'" "C2'"  sing N N 54  
DC  "C3'" "H3'"  sing N N 55  
DC  "O3'" "HO3'" sing N N 56  
DC  "C2'" "C1'"  sing N N 57  
DC  "C2'" "H2'"  sing N N 58  
DC  "C2'" "H2''" sing N N 59  
DC  "C1'" N1     sing N N 60  
DC  "C1'" "H1'"  sing N N 61  
DC  N1    C2     sing N N 62  
DC  N1    C6     sing N N 63  
DC  C2    O2     doub N N 64  
DC  C2    N3     sing N N 65  
DC  N3    C4     doub N N 66  
DC  C4    N4     sing N N 67  
DC  C4    C5     sing N N 68  
DC  N4    H41    sing N N 69  
DC  N4    H42    sing N N 70  
DC  C5    C6     doub N N 71  
DC  C5    H5     sing N N 72  
DC  C6    H6     sing N N 73  
DG  OP3   P      sing N N 74  
DG  OP3   HOP3   sing N N 75  
DG  P     OP1    doub N N 76  
DG  P     OP2    sing N N 77  
DG  P     "O5'"  sing N N 78  
DG  OP2   HOP2   sing N N 79  
DG  "O5'" "C5'"  sing N N 80  
DG  "C5'" "C4'"  sing N N 81  
DG  "C5'" "H5'"  sing N N 82  
DG  "C5'" "H5''" sing N N 83  
DG  "C4'" "O4'"  sing N N 84  
DG  "C4'" "C3'"  sing N N 85  
DG  "C4'" "H4'"  sing N N 86  
DG  "O4'" "C1'"  sing N N 87  
DG  "C3'" "O3'"  sing N N 88  
DG  "C3'" "C2'"  sing N N 89  
DG  "C3'" "H3'"  sing N N 90  
DG  "O3'" "HO3'" sing N N 91  
DG  "C2'" "C1'"  sing N N 92  
DG  "C2'" "H2'"  sing N N 93  
DG  "C2'" "H2''" sing N N 94  
DG  "C1'" N9     sing N N 95  
DG  "C1'" "H1'"  sing N N 96  
DG  N9    C8     sing Y N 97  
DG  N9    C4     sing Y N 98  
DG  C8    N7     doub Y N 99  
DG  C8    H8     sing N N 100 
DG  N7    C5     sing Y N 101 
DG  C5    C6     sing N N 102 
DG  C5    C4     doub Y N 103 
DG  C6    O6     doub N N 104 
DG  C6    N1     sing N N 105 
DG  N1    C2     sing N N 106 
DG  N1    H1     sing N N 107 
DG  C2    N2     sing N N 108 
DG  C2    N3     doub N N 109 
DG  N2    H21    sing N N 110 
DG  N2    H22    sing N N 111 
DG  N3    C4     sing N N 112 
DT  OP3   P      sing N N 113 
DT  OP3   HOP3   sing N N 114 
DT  P     OP1    doub N N 115 
DT  P     OP2    sing N N 116 
DT  P     "O5'"  sing N N 117 
DT  OP2   HOP2   sing N N 118 
DT  "O5'" "C5'"  sing N N 119 
DT  "C5'" "C4'"  sing N N 120 
DT  "C5'" "H5'"  sing N N 121 
DT  "C5'" "H5''" sing N N 122 
DT  "C4'" "O4'"  sing N N 123 
DT  "C4'" "C3'"  sing N N 124 
DT  "C4'" "H4'"  sing N N 125 
DT  "O4'" "C1'"  sing N N 126 
DT  "C3'" "O3'"  sing N N 127 
DT  "C3'" "C2'"  sing N N 128 
DT  "C3'" "H3'"  sing N N 129 
DT  "O3'" "HO3'" sing N N 130 
DT  "C2'" "C1'"  sing N N 131 
DT  "C2'" "H2'"  sing N N 132 
DT  "C2'" "H2''" sing N N 133 
DT  "C1'" N1     sing N N 134 
DT  "C1'" "H1'"  sing N N 135 
DT  N1    C2     sing N N 136 
DT  N1    C6     sing N N 137 
DT  C2    O2     doub N N 138 
DT  C2    N3     sing N N 139 
DT  N3    C4     sing N N 140 
DT  N3    H3     sing N N 141 
DT  C4    O4     doub N N 142 
DT  C4    C5     sing N N 143 
DT  C5    C7     sing N N 144 
DT  C5    C6     doub N N 145 
DT  C7    H71    sing N N 146 
DT  C7    H72    sing N N 147 
DT  C7    H73    sing N N 148 
DT  C6    H6     sing N N 149 
HOH O     H1     sing N N 150 
HOH O     H2     sing N N 151 
# 
_ndb_struct_conf_na.entry_id   251D 
_ndb_struct_conf_na.feature    'b-form double helix' 
# 
loop_
_ndb_struct_na_base_pair.model_number 
_ndb_struct_na_base_pair.i_label_asym_id 
_ndb_struct_na_base_pair.i_label_comp_id 
_ndb_struct_na_base_pair.i_label_seq_id 
_ndb_struct_na_base_pair.i_symmetry 
_ndb_struct_na_base_pair.j_label_asym_id 
_ndb_struct_na_base_pair.j_label_comp_id 
_ndb_struct_na_base_pair.j_label_seq_id 
_ndb_struct_na_base_pair.j_symmetry 
_ndb_struct_na_base_pair.shear 
_ndb_struct_na_base_pair.stretch 
_ndb_struct_na_base_pair.stagger 
_ndb_struct_na_base_pair.buckle 
_ndb_struct_na_base_pair.propeller 
_ndb_struct_na_base_pair.opening 
_ndb_struct_na_base_pair.pair_number 
_ndb_struct_na_base_pair.pair_name 
_ndb_struct_na_base_pair.i_auth_asym_id 
_ndb_struct_na_base_pair.i_auth_seq_id 
_ndb_struct_na_base_pair.i_PDB_ins_code 
_ndb_struct_na_base_pair.j_auth_asym_id 
_ndb_struct_na_base_pair.j_auth_seq_id 
_ndb_struct_na_base_pair.j_PDB_ins_code 
_ndb_struct_na_base_pair.hbond_type_28 
_ndb_struct_na_base_pair.hbond_type_12 
1 A DC 1 1_555 A DG 6 4_655 0.206  -0.324 0.293  -7.803 -20.796 0.068  1 A_DC1:DG6_A A 1 ? A 6 ? 19 1 
1 A DT 2 1_555 A DA 5 4_655 -0.248 -0.158 0.118  -2.552 -4.328  -1.645 2 A_DT2:DA5_A A 2 ? A 5 ? 20 1 
1 A DC 3 1_555 A DG 4 4_655 0.272  -0.395 -0.206 3.588  -9.698  -4.297 3 A_DC3:DG4_A A 3 ? A 4 ? 19 1 
1 A DG 4 1_555 A DC 3 4_655 -0.272 -0.395 -0.206 -3.588 -9.698  -4.297 4 A_DG4:DC3_A A 4 ? A 3 ? 19 1 
1 A DA 5 1_555 A DT 2 4_655 0.248  -0.158 0.118  2.552  -4.328  -1.645 5 A_DA5:DT2_A A 5 ? A 2 ? 20 1 
1 A DG 6 1_555 A DC 1 4_655 -0.206 -0.324 0.293  7.803  -20.796 0.068  6 A_DG6:DC1_A A 6 ? A 1 ? 19 1 
# 
loop_
_ndb_struct_na_base_pair_step.model_number 
_ndb_struct_na_base_pair_step.i_label_asym_id_1 
_ndb_struct_na_base_pair_step.i_label_comp_id_1 
_ndb_struct_na_base_pair_step.i_label_seq_id_1 
_ndb_struct_na_base_pair_step.i_symmetry_1 
_ndb_struct_na_base_pair_step.j_label_asym_id_1 
_ndb_struct_na_base_pair_step.j_label_comp_id_1 
_ndb_struct_na_base_pair_step.j_label_seq_id_1 
_ndb_struct_na_base_pair_step.j_symmetry_1 
_ndb_struct_na_base_pair_step.i_label_asym_id_2 
_ndb_struct_na_base_pair_step.i_label_comp_id_2 
_ndb_struct_na_base_pair_step.i_label_seq_id_2 
_ndb_struct_na_base_pair_step.i_symmetry_2 
_ndb_struct_na_base_pair_step.j_label_asym_id_2 
_ndb_struct_na_base_pair_step.j_label_comp_id_2 
_ndb_struct_na_base_pair_step.j_label_seq_id_2 
_ndb_struct_na_base_pair_step.j_symmetry_2 
_ndb_struct_na_base_pair_step.shift 
_ndb_struct_na_base_pair_step.slide 
_ndb_struct_na_base_pair_step.rise 
_ndb_struct_na_base_pair_step.tilt 
_ndb_struct_na_base_pair_step.roll 
_ndb_struct_na_base_pair_step.twist 
_ndb_struct_na_base_pair_step.x_displacement 
_ndb_struct_na_base_pair_step.y_displacement 
_ndb_struct_na_base_pair_step.helical_rise 
_ndb_struct_na_base_pair_step.inclination 
_ndb_struct_na_base_pair_step.tip 
_ndb_struct_na_base_pair_step.helical_twist 
_ndb_struct_na_base_pair_step.step_number 
_ndb_struct_na_base_pair_step.step_name 
_ndb_struct_na_base_pair_step.i_auth_asym_id_1 
_ndb_struct_na_base_pair_step.i_auth_seq_id_1 
_ndb_struct_na_base_pair_step.i_PDB_ins_code_1 
_ndb_struct_na_base_pair_step.j_auth_asym_id_1 
_ndb_struct_na_base_pair_step.j_auth_seq_id_1 
_ndb_struct_na_base_pair_step.j_PDB_ins_code_1 
_ndb_struct_na_base_pair_step.i_auth_asym_id_2 
_ndb_struct_na_base_pair_step.i_auth_seq_id_2 
_ndb_struct_na_base_pair_step.i_PDB_ins_code_2 
_ndb_struct_na_base_pair_step.j_auth_asym_id_2 
_ndb_struct_na_base_pair_step.j_auth_seq_id_2 
_ndb_struct_na_base_pair_step.j_PDB_ins_code_2 
1 A DC 1 1_555 A DG 6 4_655 A DT 2 1_555 A DA 5 4_655 -0.580 -0.352 3.211 1.899  5.966 33.430 -1.524 1.285  3.067 10.259 -3.266 
33.995 1 AA_DC1DT2:DA5DG6_AA A 1 ? A 6 ? A 2 ? A 5 ? 
1 A DT 2 1_555 A DA 5 4_655 A DC 3 1_555 A DG 4 4_655 0.333  0.306  3.177 4.317  2.772 37.588 0.124  0.028  3.208 4.278  -6.661 
37.923 2 AA_DT2DC3:DG4DA5_AA A 2 ? A 5 ? A 3 ? A 4 ? 
1 A DC 3 1_555 A DG 4 4_655 A DG 4 1_555 A DC 3 4_655 0.000  1.041  3.578 0.000  1.683 35.014 1.450  0.000  3.623 2.796  0.000  
35.053 3 AA_DC3DG4:DC3DG4_AA A 3 ? A 4 ? A 4 ? A 3 ? 
1 A DG 4 1_555 A DC 3 4_655 A DA 5 1_555 A DT 2 4_655 -0.333 0.306  3.177 -4.317 2.772 37.588 0.124  -0.028 3.208 4.278  6.662  
37.923 4 AA_DG4DA5:DT2DC3_AA A 4 ? A 3 ? A 5 ? A 2 ? 
1 A DA 5 1_555 A DT 2 4_655 A DG 6 1_555 A DC 1 4_655 0.580  -0.352 3.211 -1.899 5.966 33.430 -1.524 -1.285 3.067 10.259 3.266  
33.995 5 AA_DA5DG6:DC1DT2_AA A 5 ? A 2 ? A 6 ? A 1 ? 
# 
_atom_sites.entry_id                    251D 
_atom_sites.fract_transf_matrix[1][1]   -0.00498503 
_atom_sites.fract_transf_matrix[1][2]   0.01252337 
_atom_sites.fract_transf_matrix[1][3]   0.02541344 
_atom_sites.fract_transf_matrix[2][1]   0.01118367 
_atom_sites.fract_transf_matrix[2][2]   -0.01122858 
_atom_sites.fract_transf_matrix[2][3]   0.02400802 
_atom_sites.fract_transf_matrix[3][1]   0.01838747 
_atom_sites.fract_transf_matrix[3][2]   0.01267303 
_atom_sites.fract_transf_matrix[3][3]   -0.00263825 
_atom_sites.fract_transf_vector[1]      0.432264 
_atom_sites.fract_transf_vector[2]      0.008651 
_atom_sites.fract_transf_vector[3]      0.252320 
# 
loop_
_atom_type.symbol 
C 
N 
O 
P 
# 
loop_
_atom_site.group_PDB 
_atom_site.id 
_atom_site.type_symbol 
_atom_site.label_atom_id 
_atom_site.label_alt_id 
_atom_site.label_comp_id 
_atom_site.label_asym_id 
_atom_site.label_entity_id 
_atom_site.label_seq_id 
_atom_site.pdbx_PDB_ins_code 
_atom_site.Cartn_x 
_atom_site.Cartn_y 
_atom_site.Cartn_z 
_atom_site.occupancy 
_atom_site.B_iso_or_equiv 
_atom_site.pdbx_formal_charge 
_atom_site.auth_seq_id 
_atom_site.auth_comp_id 
_atom_site.auth_asym_id 
_atom_site.auth_atom_id 
_atom_site.pdbx_PDB_model_num 
ATOM   1   O "O5'" . DC  A 1 1 ? 7.979   6.316  7.321  1.00 14.46 ? 1  DC  A "O5'" 1 
ATOM   2   C "C5'" . DC  A 1 1 ? 9.121   5.649  7.912  1.00 10.42 ? 1  DC  A "C5'" 1 
ATOM   3   C "C4'" . DC  A 1 1 ? 8.704   4.256  8.322  1.00 11.68 ? 1  DC  A "C4'" 1 
ATOM   4   O "O4'" . DC  A 1 1 ? 7.584   4.422  9.205  1.00 15.69 ? 1  DC  A "O4'" 1 
ATOM   5   C "C3'" . DC  A 1 1 ? 8.128   3.477  7.201  1.00 10.16 ? 1  DC  A "C3'" 1 
ATOM   6   O "O3'" . DC  A 1 1 ? 9.195   2.727  6.664  1.00 10.35 ? 1  DC  A "O3'" 1 
ATOM   7   C "C2'" . DC  A 1 1 ? 7.221   2.455  7.987  1.00 8.46  ? 1  DC  A "C2'" 1 
ATOM   8   C "C1'" . DC  A 1 1 ? 6.649   3.325  9.092  1.00 10.93 ? 1  DC  A "C1'" 1 
ATOM   9   N N1    . DC  A 1 1 ? 5.263   3.825  8.958  1.00 11.79 ? 1  DC  A N1    1 
ATOM   10  C C2    . DC  A 1 1 ? 4.195   2.902  9.035  1.00 11.36 ? 1  DC  A C2    1 
ATOM   11  O O2    . DC  A 1 1 ? 4.427   1.698  9.018  1.00 11.72 ? 1  DC  A O2    1 
ATOM   12  N N3    . DC  A 1 1 ? 2.908   3.364  9.037  1.00 9.59  ? 1  DC  A N3    1 
ATOM   13  C C4    . DC  A 1 1 ? 2.679   4.692  8.965  1.00 11.92 ? 1  DC  A C4    1 
ATOM   14  N N4    . DC  A 1 1 ? 1.442   5.148  9.094  1.00 13.19 ? 1  DC  A N4    1 
ATOM   15  C C5    . DC  A 1 1 ? 3.737   5.671  8.841  1.00 10.35 ? 1  DC  A C5    1 
ATOM   16  C C6    . DC  A 1 1 ? 5.001   5.171  8.849  1.00 10.16 ? 1  DC  A C6    1 
ATOM   17  P P     . DT  A 1 2 ? 9.142   2.172  5.217  1.00 14.50 ? 2  DT  A P     1 
ATOM   18  O OP1   . DT  A 1 2 ? 10.461  1.612  4.931  1.00 15.30 ? 2  DT  A OP1   1 
ATOM   19  O OP2   . DT  A 1 2 ? 8.631   3.248  4.416  1.00 11.78 ? 2  DT  A OP2   1 
ATOM   20  O "O5'" . DT  A 1 2 ? 8.175   0.907  5.250  1.00 14.30 ? 2  DT  A "O5'" 1 
ATOM   21  C "C5'" . DT  A 1 2 ? 8.358   -0.322 6.037  1.00 12.44 ? 2  DT  A "C5'" 1 
ATOM   22  C "C4'" . DT  A 1 2 ? 7.216   -1.264 5.666  1.00 15.91 ? 2  DT  A "C4'" 1 
ATOM   23  O "O4'" . DT  A 1 2 ? 5.930   -0.650 5.905  1.00 14.20 ? 2  DT  A "O4'" 1 
ATOM   24  C "C3'" . DT  A 1 2 ? 7.277   -1.489 4.148  1.00 16.75 ? 2  DT  A "C3'" 1 
ATOM   25  O "O3'" . DT  A 1 2 ? 6.936   -2.847 3.974  1.00 18.78 ? 2  DT  A "O3'" 1 
ATOM   26  C "C2'" . DT  A 1 2 ? 6.145   -0.568 3.602  1.00 15.36 ? 2  DT  A "C2'" 1 
ATOM   27  C "C1'" . DT  A 1 2 ? 5.156   -0.544 4.730  1.00 13.72 ? 2  DT  A "C1'" 1 
ATOM   28  N N1    . DT  A 1 2 ? 4.402   0.713  4.970  1.00 15.05 ? 2  DT  A N1    1 
ATOM   29  C C2    . DT  A 1 2 ? 3.050   0.537  5.262  1.00 14.32 ? 2  DT  A C2    1 
ATOM   30  O O2    . DT  A 1 2 ? 2.549   -0.575 5.353  1.00 14.11 ? 2  DT  A O2    1 
ATOM   31  N N3    . DT  A 1 2 ? 2.336   1.670  5.526  1.00 11.44 ? 2  DT  A N3    1 
ATOM   32  C C4    . DT  A 1 2 ? 2.850   2.942  5.539  1.00 8.13  ? 2  DT  A C4    1 
ATOM   33  O O4    . DT  A 1 2 ? 2.139   3.866  5.843  1.00 11.67 ? 2  DT  A O4    1 
ATOM   34  C C5    . DT  A 1 2 ? 4.228   3.033  5.233  1.00 10.81 ? 2  DT  A C5    1 
ATOM   35  C C7    . DT  A 1 2 ? 4.879   4.401  5.178  1.00 8.83  ? 2  DT  A C7    1 
ATOM   36  C C6    . DT  A 1 2 ? 4.957   1.958  4.967  1.00 12.20 ? 2  DT  A C6    1 
ATOM   37  P P     . DC  A 1 3 ? 6.986   -3.558 2.505  1.00 24.32 ? 3  DC  A P     1 
ATOM   38  O OP1   . DC  A 1 3 ? 7.449   -4.936 2.825  1.00 28.36 ? 3  DC  A OP1   1 
ATOM   39  O OP2   . DC  A 1 3 ? 7.614   -2.770 1.382  1.00 22.83 ? 3  DC  A OP2   1 
ATOM   40  O "O5'" . DC  A 1 3 ? 5.432   -3.512 2.132  1.00 27.83 ? 3  DC  A "O5'" 1 
ATOM   41  C "C5'" . DC  A 1 3 ? 4.385   -4.232 2.809  1.00 30.70 ? 3  DC  A "C5'" 1 
ATOM   42  C "C4'" . DC  A 1 3 ? 3.048   -3.986 2.167  1.00 31.28 ? 3  DC  A "C4'" 1 
ATOM   43  O "O4'" . DC  A 1 3 ? 2.541   -2.701 2.577  1.00 29.76 ? 3  DC  A "O4'" 1 
ATOM   44  C "C3'" . DC  A 1 3 ? 3.209   -3.948 0.629  1.00 31.06 ? 3  DC  A "C3'" 1 
ATOM   45  O "O3'" . DC  A 1 3 ? 2.031   -4.472 0.026  1.00 36.60 ? 3  DC  A "O3'" 1 
ATOM   46  C "C2'" . DC  A 1 3 ? 3.220   -2.465 0.338  1.00 29.77 ? 3  DC  A "C2'" 1 
ATOM   47  C "C1'" . DC  A 1 3 ? 2.203   -1.999 1.386  1.00 26.49 ? 3  DC  A "C1'" 1 
ATOM   48  N N1    . DC  A 1 3 ? 2.246   -0.561 1.578  1.00 22.48 ? 3  DC  A N1    1 
ATOM   49  C C2    . DC  A 1 3 ? 1.106   0.041  2.130  1.00 19.85 ? 3  DC  A C2    1 
ATOM   50  O O2    . DC  A 1 3 ? 0.106   -0.582 2.388  1.00 18.64 ? 3  DC  A O2    1 
ATOM   51  N N3    . DC  A 1 3 ? 1.113   1.361  2.343  1.00 19.02 ? 3  DC  A N3    1 
ATOM   52  C C4    . DC  A 1 3 ? 2.211   2.076  2.032  1.00 18.50 ? 3  DC  A C4    1 
ATOM   53  N N4    . DC  A 1 3 ? 2.201   3.375  2.264  1.00 17.59 ? 3  DC  A N4    1 
ATOM   54  C C5    . DC  A 1 3 ? 3.384   1.474  1.459  1.00 18.86 ? 3  DC  A C5    1 
ATOM   55  C C6    . DC  A 1 3 ? 3.350   0.146  1.258  1.00 17.52 ? 3  DC  A C6    1 
ATOM   56  P P     . DG  A 1 4 ? 1.930   -5.975 -0.592 1.00 36.46 ? 4  DG  A P     1 
ATOM   57  O OP1   . DG  A 1 4 ? 2.164   -6.986 0.476  1.00 38.48 ? 4  DG  A OP1   1 
ATOM   58  O OP2   . DG  A 1 4 ? 2.677   -5.981 -1.875 1.00 36.37 ? 4  DG  A OP2   1 
ATOM   59  O "O5'" . DG  A 1 4 ? 0.368   -5.980 -0.920 1.00 32.24 ? 4  DG  A "O5'" 1 
ATOM   60  C "C5'" . DG  A 1 4 ? -0.596  -5.888 0.119  1.00 26.94 ? 4  DG  A "C5'" 1 
ATOM   61  C "C4'" . DG  A 1 4 ? -1.725  -4.999 -0.323 1.00 26.49 ? 4  DG  A "C4'" 1 
ATOM   62  O "O4'" . DG  A 1 4 ? -1.456  -3.629 -0.076 1.00 21.58 ? 4  DG  A "O4'" 1 
ATOM   63  C "C3'" . DG  A 1 4 ? -1.968  -5.136 -1.823 1.00 30.50 ? 4  DG  A "C3'" 1 
ATOM   64  O "O3'" . DG  A 1 4 ? -3.313  -4.859 -1.956 1.00 35.44 ? 4  DG  A "O3'" 1 
ATOM   65  C "C2'" . DG  A 1 4 ? -1.296  -3.870 -2.330 1.00 27.81 ? 4  DG  A "C2'" 1 
ATOM   66  C "C1'" . DG  A 1 4 ? -1.730  -2.924 -1.242 1.00 22.78 ? 4  DG  A "C1'" 1 
ATOM   67  N N9    . DG  A 1 4 ? -0.858  -1.803 -1.313 1.00 19.98 ? 4  DG  A N9    1 
ATOM   68  C C8    . DG  A 1 4 ? 0.414   -1.725 -1.759 1.00 20.78 ? 4  DG  A C8    1 
ATOM   69  N N7    . DG  A 1 4 ? 0.933   -0.542 -1.742 1.00 20.31 ? 4  DG  A N7    1 
ATOM   70  C C5    . DG  A 1 4 ? -0.132  0.227  -1.256 1.00 18.99 ? 4  DG  A C5    1 
ATOM   71  C C6    . DG  A 1 4 ? -0.171  1.590  -0.975 1.00 14.96 ? 4  DG  A C6    1 
ATOM   72  O O6    . DG  A 1 4 ? 0.730   2.372  -1.144 1.00 13.42 ? 4  DG  A O6    1 
ATOM   73  N N1    . DG  A 1 4 ? -1.407  1.992  -0.446 1.00 16.99 ? 4  DG  A N1    1 
ATOM   74  C C2    . DG  A 1 4 ? -2.472  1.135  -0.214 1.00 14.47 ? 4  DG  A C2    1 
ATOM   75  N N2    . DG  A 1 4 ? -3.580  1.662  0.263  1.00 17.47 ? 4  DG  A N2    1 
ATOM   76  N N3    . DG  A 1 4 ? -2.427  -0.178 -0.470 1.00 17.94 ? 4  DG  A N3    1 
ATOM   77  C C4    . DG  A 1 4 ? -1.223  -0.547 -0.981 1.00 18.64 ? 4  DG  A C4    1 
ATOM   78  P P     . DA  A 1 5 ? -4.300  -5.740 -2.755 1.00 30.52 ? 5  DA  A P     1 
ATOM   79  O OP1   . DA  A 1 5 ? -4.789  -6.709 -1.774 1.00 37.36 ? 5  DA  A OP1   1 
ATOM   80  O OP2   . DA  A 1 5 ? -3.724  -6.079 -4.079 1.00 32.81 ? 5  DA  A OP2   1 
ATOM   81  O "O5'" . DA  A 1 5 ? -5.332  -4.590 -2.964 1.00 25.62 ? 5  DA  A "O5'" 1 
ATOM   82  C "C5'" . DA  A 1 5 ? -6.071  -4.224 -1.814 1.00 18.88 ? 5  DA  A "C5'" 1 
ATOM   83  C "C4'" . DA  A 1 5 ? -6.732  -2.938 -2.150 1.00 17.48 ? 5  DA  A "C4'" 1 
ATOM   84  O "O4'" . DA  A 1 5 ? -5.681  -1.981 -2.300 1.00 17.44 ? 5  DA  A "O4'" 1 
ATOM   85  C "C3'" . DA  A 1 5 ? -7.465  -2.981 -3.502 1.00 17.47 ? 5  DA  A "C3'" 1 
ATOM   86  O "O3'" . DA  A 1 5 ? -8.724  -2.329 -3.336 1.00 20.12 ? 5  DA  A "O3'" 1 
ATOM   87  C "C2'" . DA  A 1 5 ? -6.597  -2.088 -4.418 1.00 17.05 ? 5  DA  A "C2'" 1 
ATOM   88  C "C1'" . DA  A 1 5 ? -5.991  -1.120 -3.397 1.00 17.44 ? 5  DA  A "C1'" 1 
ATOM   89  N N9    . DA  A 1 5 ? -4.611  -0.712 -3.691 1.00 15.34 ? 5  DA  A N9    1 
ATOM   90  C C8    . DA  A 1 5 ? -3.580  -1.514 -4.077 1.00 14.55 ? 5  DA  A C8    1 
ATOM   91  N N7    . DA  A 1 5 ? -2.452  -0.898 -4.267 1.00 17.12 ? 5  DA  A N7    1 
ATOM   92  C C5    . DA  A 1 5 ? -2.769  0.428  -3.982 1.00 16.14 ? 5  DA  A C5    1 
ATOM   93  C C6    . DA  A 1 5 ? -1.985  1.599  -3.950 1.00 13.78 ? 5  DA  A C6    1 
ATOM   94  N N6    . DA  A 1 5 ? -0.658  1.578  -4.207 1.00 14.97 ? 5  DA  A N6    1 
ATOM   95  N N1    . DA  A 1 5 ? -2.633  2.732  -3.567 1.00 12.10 ? 5  DA  A N1    1 
ATOM   96  C C2    . DA  A 1 5 ? -3.911  2.707  -3.212 1.00 10.71 ? 5  DA  A C2    1 
ATOM   97  N N3    . DA  A 1 5 ? -4.715  1.644  -3.216 1.00 13.23 ? 5  DA  A N3    1 
ATOM   98  C C4    . DA  A 1 5 ? -4.084  0.532  -3.613 1.00 13.99 ? 5  DA  A C4    1 
ATOM   99  P P     . DG  A 1 6 ? -9.785  -2.354 -4.538 1.00 20.45 ? 6  DG  A P     1 
ATOM   100 O OP1   . DG  A 1 6 ? -11.057 -2.344 -3.848 1.00 23.35 ? 6  DG  A OP1   1 
ATOM   101 O OP2   . DG  A 1 6 ? -9.363  -3.325 -5.577 1.00 17.14 ? 6  DG  A OP2   1 
ATOM   102 O "O5'" . DG  A 1 6 ? -9.571  -0.916 -5.136 1.00 18.25 ? 6  DG  A "O5'" 1 
ATOM   103 C "C5'" . DG  A 1 6 ? -9.929  0.292  -4.416 1.00 15.99 ? 6  DG  A "C5'" 1 
ATOM   104 C "C4'" . DG  A 1 6 ? -9.381  1.559  -5.084 1.00 14.51 ? 6  DG  A "C4'" 1 
ATOM   105 O "O4'" . DG  A 1 6 ? -7.998  1.413  -5.084 1.00 13.71 ? 6  DG  A "O4'" 1 
ATOM   106 C "C3'" . DG  A 1 6 ? -9.722  1.600  -6.581 1.00 12.96 ? 6  DG  A "C3'" 1 
ATOM   107 O "O3'" . DG  A 1 6 ? -10.905 2.341  -6.750 1.00 16.48 ? 6  DG  A "O3'" 1 
ATOM   108 C "C2'" . DG  A 1 6 ? -8.557  2.360  -7.211 1.00 11.45 ? 6  DG  A "C2'" 1 
ATOM   109 C "C1'" . DG  A 1 6 ? -7.536  2.312  -6.082 1.00 12.84 ? 6  DG  A "C1'" 1 
ATOM   110 N N9    . DG  A 1 6 ? -6.254  1.798  -6.492 1.00 12.01 ? 6  DG  A N9    1 
ATOM   111 C C8    . DG  A 1 6 ? -5.900  0.557  -6.884 1.00 9.52  ? 6  DG  A C8    1 
ATOM   112 N N7    . DG  A 1 6 ? -4.667  0.456  -7.182 1.00 10.60 ? 6  DG  A N7    1 
ATOM   113 C C5    . DG  A 1 6 ? -4.158  1.733  -6.961 1.00 11.14 ? 6  DG  A C5    1 
ATOM   114 C C6    . DG  A 1 6 ? -2.873  2.227  -7.140 1.00 11.97 ? 6  DG  A C6    1 
ATOM   115 O O6    . DG  A 1 6 ? -1.926  1.546  -7.509 1.00 13.78 ? 6  DG  A O6    1 
ATOM   116 N N1    . DG  A 1 6 ? -2.768  3.587  -6.811 1.00 10.37 ? 6  DG  A N1    1 
ATOM   117 C C2    . DG  A 1 6 ? -3.811  4.375  -6.399 1.00 13.30 ? 6  DG  A C2    1 
ATOM   118 N N2    . DG  A 1 6 ? -3.594  5.656  -6.127 1.00 14.31 ? 6  DG  A N2    1 
ATOM   119 N N3    . DG  A 1 6 ? -5.051  3.904  -6.227 1.00 13.02 ? 6  DG  A N3    1 
ATOM   120 C C4    . DG  A 1 6 ? -5.132  2.575  -6.549 1.00 12.22 ? 6  DG  A C4    1 
HETATM 121 O O     . HOH B 2 . ? 6.986   2.868  2.269  1.00 31.08 ? 7  HOH A O     1 
HETATM 122 O O     . HOH B 2 . ? -7.318  5.897  -5.997 1.00 38.62 ? 8  HOH A O     1 
HETATM 123 O O     . HOH B 2 . ? 11.137  -0.501 3.493  1.00 26.94 ? 9  HOH A O     1 
HETATM 124 O O     . HOH B 2 . ? 2.986   3.214  -4.201 1.00 33.56 ? 10 HOH A O     1 
HETATM 125 O O     . HOH B 2 . ? -8.400  -7.284 -3.064 1.00 50.35 ? 11 HOH A O     1 
HETATM 126 O O     . HOH B 2 . ? 4.295   8.379  6.303  1.00 43.50 ? 12 HOH A O     1 
HETATM 127 O O     . HOH B 2 . ? 8.365   6.004  4.393  1.00 20.64 ? 13 HOH A O     1 
HETATM 128 O O     . HOH B 2 . ? 5.802   7.630  3.435  1.00 52.17 ? 14 HOH A O     1 
HETATM 129 O O     . HOH B 2 . ? -7.158  -6.642 -5.495 1.00 66.41 ? 15 HOH A O     1 
HETATM 130 O O     . HOH B 2 . ? -1.080  -0.597 -9.046 1.00 72.22 ? 16 HOH A O     1 
HETATM 131 O O     . HOH B 2 . ? 6.394   0.371  0.745  1.00 82.63 ? 17 HOH A O     1 
HETATM 132 O O     . HOH B 2 . ? 3.959   6.014  1.936  1.00 54.44 ? 18 HOH A O     1 
HETATM 133 O O     . HOH B 2 . ? -7.103  2.363  -2.042 1.00 31.12 ? 19 HOH A O     1 
HETATM 134 O O     . HOH B 2 . ? -3.936  -2.049 0.704  1.00 39.11 ? 20 HOH A O     1 
HETATM 135 O O     . HOH B 2 . ? -6.041  0.079  -0.058 1.00 75.14 ? 21 HOH A O     1 
HETATM 136 O O     . HOH B 2 . ? -1.333  -2.954 2.843  1.00 57.66 ? 22 HOH A O     1 
HETATM 137 O O     . HOH B 2 . ? 7.958   6.198  0.373  1.00 61.81 ? 23 HOH A O     1 
HETATM 138 O O     . HOH B 2 . ? 9.688   -0.254 1.203  1.00 57.64 ? 24 HOH A O     1 
HETATM 139 O O     . HOH B 2 . ? 6.486   -6.545 -0.835 1.00 64.65 ? 25 HOH A O     1 
HETATM 140 O O     . HOH B 2 . ? 1.630   -3.462 6.040  1.00 54.44 ? 26 HOH A O     1 
HETATM 141 O O     . HOH B 2 . ? 11.297  2.727  2.039  1.00 69.35 ? 27 HOH A O     1 
HETATM 142 O O     . HOH B 2 . ? -13.304 0.607  -5.966 1.00 55.01 ? 28 HOH A O     1 
HETATM 143 O O     . HOH B 2 . ? -11.827 -5.419 -4.766 1.00 51.90 ? 29 HOH A O     1 
HETATM 144 O O     . HOH B 2 . ? 1.813   -4.015 -3.535 1.00 67.93 ? 30 HOH A O     1 
HETATM 145 O O     . HOH B 2 . ? -0.257  -2.058 -5.632 1.00 50.62 ? 31 HOH A O     1 
HETATM 146 O O     . HOH B 2 . ? 3.461   -0.037 -3.027 1.00 73.81 ? 32 HOH A O     1 
HETATM 147 O O     . HOH B 2 . ? 3.200   2.636  -1.363 1.00 54.60 ? 33 HOH A O     1 
HETATM 148 O O     . HOH B 2 . ? -2.454  -4.806 -5.981 1.00 82.56 ? 34 HOH A O     1 
HETATM 149 O O     . HOH B 2 . ? -7.990  -4.943 -7.255 1.00 81.92 ? 35 HOH A O     1 
HETATM 150 O O     . HOH B 2 . ? -10.762 -4.017 -1.250 1.00 68.09 ? 36 HOH A O     1 
HETATM 151 O O     . HOH B 2 . ? -3.508  -2.156 -7.694 1.00 63.99 ? 37 HOH A O     1 
HETATM 152 O O     . HOH B 2 . ? -13.986 3.473  -4.605 1.00 58.46 ? 38 HOH A O     1 
# 
